data_3HS2
#
_entry.id   3HS2
#
_cell.length_a   107.001
_cell.length_b   122.542
_cell.length_c   61.174
_cell.angle_alpha   90.00
_cell.angle_beta   90.00
_cell.angle_gamma   90.00
#
_symmetry.space_group_name_H-M   'C 2 2 21'
#
loop_
_entity.id
_entity.type
_entity.pdbx_description
1 polymer 'Prevent host death protein'
2 non-polymer 'SULFATE ION'
3 water water
#
_entity_poly.entity_id   1
_entity_poly.type   'polypeptide(L)'
_entity_poly.pdbx_seq_one_letter_code
;MQSINFRTARGNLSEVLNNVEAGEEVEITRRGREPAVIVSKATFEAYKKAALDAEFAS
;
_entity_poly.pdbx_strand_id   A,B,C,D,E,F,G,H
#
# COMPACT_ATOMS: atom_id res chain seq x y z
N MET A 1 -4.36 -16.46 -7.63
CA MET A 1 -5.67 -16.54 -7.00
C MET A 1 -6.77 -16.59 -8.05
N GLN A 2 -7.84 -17.32 -7.75
CA GLN A 2 -8.99 -17.37 -8.65
C GLN A 2 -9.63 -15.98 -8.70
N SER A 3 -10.03 -15.56 -9.90
CA SER A 3 -10.65 -14.25 -10.05
C SER A 3 -11.91 -14.30 -10.91
N ILE A 4 -13.00 -13.75 -10.38
CA ILE A 4 -14.27 -13.76 -11.08
C ILE A 4 -14.91 -12.38 -11.04
N ASN A 5 -15.76 -12.10 -12.02
CA ASN A 5 -16.47 -10.83 -12.05
C ASN A 5 -17.74 -10.85 -11.20
N PHE A 6 -18.33 -9.67 -10.99
CA PHE A 6 -19.48 -9.52 -10.13
C PHE A 6 -20.65 -10.40 -10.55
N ARG A 7 -21.05 -10.30 -11.82
CA ARG A 7 -22.19 -11.06 -12.32
C ARG A 7 -22.02 -12.54 -12.02
N THR A 8 -20.80 -13.03 -12.16
CA THR A 8 -20.50 -14.44 -11.98
C THR A 8 -20.58 -14.82 -10.50
N ALA A 9 -20.09 -13.92 -9.64
CA ALA A 9 -20.13 -14.13 -8.21
C ALA A 9 -21.57 -14.26 -7.72
N ARG A 10 -22.43 -13.37 -8.18
CA ARG A 10 -23.80 -13.31 -7.72
C ARG A 10 -24.64 -14.50 -8.20
N GLY A 11 -24.31 -15.04 -9.38
CA GLY A 11 -25.08 -16.11 -9.97
C GLY A 11 -24.52 -17.51 -9.68
N ASN A 12 -23.37 -17.56 -9.03
CA ASN A 12 -22.75 -18.82 -8.67
C ASN A 12 -22.20 -18.80 -7.24
N LEU A 13 -22.86 -18.04 -6.37
CA LEU A 13 -22.34 -17.79 -5.03
C LEU A 13 -22.22 -19.05 -4.17
N SER A 14 -23.21 -19.94 -4.26
CA SER A 14 -23.14 -21.20 -3.51
C SER A 14 -21.89 -21.98 -3.87
N GLU A 15 -21.68 -22.18 -5.16
CA GLU A 15 -20.48 -22.86 -5.65
C GLU A 15 -19.20 -22.09 -5.29
N VAL A 16 -19.31 -20.78 -5.21
CA VAL A 16 -18.19 -19.94 -4.80
C VAL A 16 -17.85 -20.16 -3.33
N LEU A 17 -18.87 -20.23 -2.49
CA LEU A 17 -18.68 -20.44 -1.06
C LEU A 17 -18.18 -21.85 -0.76
N ASN A 18 -18.62 -22.82 -1.56
CA ASN A 18 -18.09 -24.17 -1.46
C ASN A 18 -16.59 -24.18 -1.75
N ASN A 19 -16.22 -23.58 -2.88
CA ASN A 19 -14.80 -23.44 -3.23
C ASN A 19 -13.98 -22.82 -2.11
N VAL A 20 -14.47 -21.70 -1.57
CA VAL A 20 -13.79 -20.99 -0.50
C VAL A 20 -13.63 -21.85 0.76
N GLU A 21 -14.68 -22.56 1.13
CA GLU A 21 -14.64 -23.43 2.30
C GLU A 21 -13.57 -24.51 2.15
N ALA A 22 -13.32 -24.91 0.91
CA ALA A 22 -12.34 -25.94 0.63
C ALA A 22 -10.92 -25.37 0.53
N GLY A 23 -10.77 -24.13 0.98
CA GLY A 23 -9.45 -23.51 1.06
C GLY A 23 -9.14 -22.51 -0.05
N GLU A 24 -10.06 -22.36 -0.99
CA GLU A 24 -9.85 -21.48 -2.14
C GLU A 24 -10.00 -20.01 -1.77
N GLU A 25 -9.09 -19.18 -2.29
CA GLU A 25 -9.22 -17.73 -2.16
C GLU A 25 -9.78 -17.19 -3.46
N VAL A 26 -10.87 -16.44 -3.38
CA VAL A 26 -11.56 -15.99 -4.59
C VAL A 26 -11.65 -14.48 -4.67
N GLU A 27 -11.10 -13.94 -5.75
CA GLU A 27 -11.16 -12.51 -5.99
C GLU A 27 -12.40 -12.16 -6.78
N ILE A 28 -13.13 -11.16 -6.30
CA ILE A 28 -14.28 -10.65 -7.00
C ILE A 28 -13.92 -9.29 -7.58
N THR A 29 -14.04 -9.16 -8.90
CA THR A 29 -13.75 -7.89 -9.55
C THR A 29 -15.02 -7.17 -9.93
N ARG A 30 -14.95 -5.85 -10.01
CA ARG A 30 -16.08 -5.04 -10.42
C ARG A 30 -15.62 -3.93 -11.34
N ARG A 31 -16.43 -3.60 -12.34
CA ARG A 31 -16.06 -2.56 -13.30
C ARG A 31 -16.03 -1.19 -12.63
N GLY A 32 -14.87 -0.54 -12.71
CA GLY A 32 -14.70 0.78 -12.12
C GLY A 32 -14.65 0.79 -10.60
N ARG A 33 -14.41 -0.39 -10.02
CA ARG A 33 -14.37 -0.52 -8.57
C ARG A 33 -13.15 -1.32 -8.10
N GLU A 34 -12.85 -1.25 -6.82
CA GLU A 34 -11.74 -2.00 -6.24
C GLU A 34 -12.15 -3.45 -6.00
N PRO A 35 -11.21 -4.39 -6.20
CA PRO A 35 -11.54 -5.81 -6.05
C PRO A 35 -11.72 -6.21 -4.60
N ALA A 36 -12.55 -7.21 -4.38
CA ALA A 36 -12.75 -7.78 -3.05
C ALA A 36 -12.24 -9.22 -3.06
N VAL A 37 -11.97 -9.74 -1.87
CA VAL A 37 -11.57 -11.14 -1.73
C VAL A 37 -12.52 -11.84 -0.77
N ILE A 38 -12.94 -13.04 -1.13
CA ILE A 38 -13.74 -13.86 -0.24
C ILE A 38 -12.95 -15.08 0.19
N VAL A 39 -12.80 -15.26 1.49
CA VAL A 39 -11.95 -16.31 2.04
C VAL A 39 -12.59 -16.85 3.31
N SER A 40 -12.24 -18.09 3.67
CA SER A 40 -12.81 -18.68 4.88
C SER A 40 -12.49 -17.81 6.08
N LYS A 41 -13.48 -17.62 6.95
CA LYS A 41 -13.31 -16.77 8.11
C LYS A 41 -12.18 -17.27 9.00
N ALA A 42 -12.08 -18.59 9.15
CA ALA A 42 -11.03 -19.19 9.97
C ALA A 42 -9.65 -18.80 9.44
N THR A 43 -9.45 -18.96 8.14
CA THR A 43 -8.18 -18.58 7.53
C THR A 43 -7.88 -17.10 7.74
N PHE A 44 -8.87 -16.24 7.50
CA PHE A 44 -8.68 -14.79 7.62
C PHE A 44 -8.35 -14.40 9.06
N GLU A 45 -9.06 -15.00 10.02
CA GLU A 45 -8.81 -14.74 11.43
C GLU A 45 -7.37 -15.12 11.78
N ALA A 46 -6.92 -16.26 11.26
CA ALA A 46 -5.57 -16.75 11.53
C ALA A 46 -4.51 -15.84 10.91
N TYR A 47 -4.77 -15.33 9.70
CA TYR A 47 -3.82 -14.45 9.04
C TYR A 47 -3.63 -13.16 9.84
N LYS A 48 -4.72 -12.54 10.26
CA LYS A 48 -4.63 -11.30 11.01
C LYS A 48 -4.05 -11.55 12.40
N LYS A 49 -4.48 -12.64 13.01
CA LYS A 49 -3.93 -13.04 14.31
C LYS A 49 -2.42 -13.10 14.24
N ALA A 50 -1.91 -13.77 13.20
CA ALA A 50 -0.48 -13.90 12.99
C ALA A 50 0.17 -12.55 12.67
N ALA A 51 -0.60 -11.63 12.10
CA ALA A 51 -0.10 -10.28 11.83
C ALA A 51 -0.04 -9.46 13.10
N LEU A 52 -1.13 -9.48 13.87
CA LEU A 52 -1.16 -8.85 15.18
C LEU A 52 0.05 -9.29 16.01
N ASP A 53 0.13 -10.60 16.23
CA ASP A 53 1.13 -11.17 17.12
C ASP A 53 2.55 -10.82 16.69
N ALA A 54 2.77 -10.72 15.39
CA ALA A 54 4.08 -10.36 14.87
C ALA A 54 4.53 -9.01 15.45
N GLU A 55 3.60 -8.06 15.47
CA GLU A 55 3.85 -6.75 16.05
C GLU A 55 3.58 -6.76 17.56
N PHE A 56 2.35 -7.10 17.92
CA PHE A 56 1.88 -7.12 19.30
C PHE A 56 1.26 -5.79 19.69
N MET B 1 -17.13 -6.36 12.87
CA MET B 1 -17.46 -7.02 11.60
C MET B 1 -18.95 -7.37 11.56
N GLN B 2 -19.64 -6.87 10.54
CA GLN B 2 -21.04 -7.20 10.33
C GLN B 2 -21.17 -8.67 9.94
N SER B 3 -22.31 -9.26 10.26
CA SER B 3 -22.54 -10.66 9.94
C SER B 3 -23.90 -10.85 9.26
N ILE B 4 -23.89 -11.53 8.12
CA ILE B 4 -25.11 -11.76 7.36
C ILE B 4 -25.17 -13.18 6.85
N ASN B 5 -26.38 -13.67 6.58
CA ASN B 5 -26.54 -15.01 6.05
C ASN B 5 -26.39 -15.05 4.53
N PHE B 6 -26.37 -16.25 3.97
CA PHE B 6 -26.14 -16.47 2.55
C PHE B 6 -27.14 -15.73 1.67
N ARG B 7 -28.42 -15.90 2.01
CA ARG B 7 -29.52 -15.30 1.26
C ARG B 7 -29.41 -13.79 1.21
N THR B 8 -29.16 -13.17 2.36
CA THR B 8 -29.04 -11.73 2.43
C THR B 8 -27.89 -11.23 1.55
N ALA B 9 -26.78 -11.97 1.56
CA ALA B 9 -25.62 -11.62 0.76
C ALA B 9 -25.92 -11.72 -0.74
N ARG B 10 -26.53 -12.83 -1.14
CA ARG B 10 -26.85 -13.07 -2.55
C ARG B 10 -27.80 -11.99 -3.09
N GLY B 11 -28.76 -11.59 -2.26
CA GLY B 11 -29.77 -10.63 -2.67
C GLY B 11 -29.34 -9.18 -2.53
N ASN B 12 -28.24 -8.97 -1.81
CA ASN B 12 -27.71 -7.63 -1.60
C ASN B 12 -26.21 -7.54 -1.88
N LEU B 13 -25.72 -8.37 -2.79
CA LEU B 13 -24.28 -8.47 -3.02
C LEU B 13 -23.62 -7.14 -3.36
N SER B 14 -24.29 -6.32 -4.17
CA SER B 14 -23.72 -5.05 -4.59
C SER B 14 -23.42 -4.12 -3.41
N GLU B 15 -24.42 -3.88 -2.55
CA GLU B 15 -24.23 -3.01 -1.41
C GLU B 15 -23.23 -3.58 -0.39
N VAL B 16 -23.22 -4.91 -0.28
CA VAL B 16 -22.25 -5.59 0.55
C VAL B 16 -20.82 -5.27 0.12
N LEU B 17 -20.58 -5.32 -1.18
CA LEU B 17 -19.27 -5.00 -1.74
C LEU B 17 -18.93 -3.52 -1.56
N ASN B 18 -19.94 -2.66 -1.65
CA ASN B 18 -19.76 -1.25 -1.37
C ASN B 18 -19.33 -1.02 0.07
N ASN B 19 -19.93 -1.77 0.99
CA ASN B 19 -19.53 -1.73 2.39
C ASN B 19 -18.09 -2.20 2.58
N VAL B 20 -17.72 -3.29 1.91
CA VAL B 20 -16.38 -3.82 2.01
C VAL B 20 -15.35 -2.83 1.50
N GLU B 21 -15.63 -2.23 0.34
CA GLU B 21 -14.74 -1.23 -0.23
C GLU B 21 -14.59 -0.03 0.69
N ALA B 22 -15.65 0.28 1.44
CA ALA B 22 -15.65 1.42 2.33
C ALA B 22 -14.71 1.21 3.51
N GLY B 23 -14.30 -0.03 3.73
CA GLY B 23 -13.36 -0.36 4.78
C GLY B 23 -13.85 -1.41 5.77
N GLU B 24 -14.98 -2.04 5.47
CA GLU B 24 -15.57 -3.02 6.37
C GLU B 24 -15.25 -4.47 5.98
N GLU B 25 -15.23 -5.35 6.98
CA GLU B 25 -15.12 -6.79 6.75
C GLU B 25 -16.49 -7.41 6.99
N VAL B 26 -16.95 -8.26 6.08
CA VAL B 26 -18.29 -8.82 6.21
C VAL B 26 -18.30 -10.34 6.25
N GLU B 27 -18.93 -10.87 7.28
CA GLU B 27 -19.02 -12.32 7.45
C GLU B 27 -20.28 -12.87 6.81
N ILE B 28 -20.12 -13.94 6.04
CA ILE B 28 -21.23 -14.62 5.43
C ILE B 28 -21.40 -15.99 6.08
N THR B 29 -22.54 -16.17 6.73
CA THR B 29 -22.83 -17.41 7.43
C THR B 29 -23.67 -18.30 6.55
N ARG B 30 -23.50 -19.61 6.71
CA ARG B 30 -24.20 -20.58 5.90
C ARG B 30 -24.61 -21.75 6.78
N ARG B 31 -25.91 -22.04 6.80
CA ARG B 31 -26.43 -23.11 7.63
C ARG B 31 -25.70 -24.43 7.36
N GLY B 32 -25.08 -24.97 8.39
CA GLY B 32 -24.39 -26.25 8.28
C GLY B 32 -23.05 -26.15 7.57
N ARG B 33 -22.51 -24.94 7.48
CA ARG B 33 -21.24 -24.73 6.79
C ARG B 33 -20.35 -23.75 7.55
N GLU B 34 -19.06 -23.78 7.23
CA GLU B 34 -18.11 -22.85 7.81
C GLU B 34 -18.35 -21.47 7.25
N PRO B 35 -18.28 -20.44 8.11
CA PRO B 35 -18.49 -19.06 7.66
C PRO B 35 -17.35 -18.55 6.78
N ALA B 36 -17.72 -17.73 5.79
CA ALA B 36 -16.73 -17.07 4.95
C ALA B 36 -16.64 -15.60 5.32
N VAL B 37 -15.60 -14.93 4.84
CA VAL B 37 -15.47 -13.50 5.05
C VAL B 37 -15.11 -12.81 3.74
N ILE B 38 -15.64 -11.61 3.54
CA ILE B 38 -15.28 -10.83 2.37
C ILE B 38 -14.66 -9.50 2.77
N VAL B 39 -13.48 -9.23 2.23
CA VAL B 39 -12.67 -8.08 2.64
C VAL B 39 -11.97 -7.49 1.42
N SER B 40 -11.64 -6.21 1.49
CA SER B 40 -10.97 -5.55 0.37
C SER B 40 -9.72 -6.35 0.02
N LYS B 41 -9.39 -6.37 -1.26
CA LYS B 41 -8.25 -7.15 -1.73
C LYS B 41 -6.95 -6.64 -1.15
N ALA B 42 -6.80 -5.32 -1.12
CA ALA B 42 -5.62 -4.68 -0.56
C ALA B 42 -5.45 -5.06 0.91
N THR B 43 -6.54 -5.00 1.68
CA THR B 43 -6.47 -5.36 3.09
C THR B 43 -6.08 -6.82 3.27
N PHE B 44 -6.67 -7.69 2.44
CA PHE B 44 -6.36 -9.11 2.52
C PHE B 44 -4.90 -9.41 2.23
N GLU B 45 -4.37 -8.80 1.18
CA GLU B 45 -2.99 -9.04 0.77
C GLU B 45 -2.03 -8.56 1.86
N ALA B 46 -2.31 -7.38 2.42
CA ALA B 46 -1.50 -6.86 3.53
C ALA B 46 -1.41 -7.85 4.70
N TYR B 47 -2.56 -8.34 5.17
CA TYR B 47 -2.61 -9.27 6.29
C TYR B 47 -1.91 -10.58 5.98
N LYS B 48 -2.15 -11.09 4.78
CA LYS B 48 -1.54 -12.34 4.34
C LYS B 48 -0.02 -12.22 4.30
N LYS B 49 0.47 -11.09 3.80
CA LYS B 49 1.90 -10.87 3.70
C LYS B 49 2.54 -10.76 5.08
N ALA B 50 1.89 -10.04 5.99
CA ALA B 50 2.40 -9.90 7.34
C ALA B 50 2.36 -11.22 8.11
N ALA B 51 1.40 -12.07 7.76
CA ALA B 51 1.30 -13.38 8.39
C ALA B 51 2.41 -14.29 7.89
N LEU B 52 2.62 -14.28 6.57
CA LEU B 52 3.69 -15.05 5.96
C LEU B 52 5.06 -14.62 6.48
N ASP B 53 5.30 -13.32 6.50
CA ASP B 53 6.59 -12.80 6.92
C ASP B 53 6.94 -13.25 8.35
N ALA B 54 5.92 -13.46 9.16
CA ALA B 54 6.12 -13.90 10.54
C ALA B 54 6.32 -15.41 10.62
N GLU B 55 5.46 -16.16 9.94
CA GLU B 55 5.55 -17.61 9.92
C GLU B 55 6.54 -18.11 8.89
N PHE B 56 6.30 -17.76 7.63
CA PHE B 56 7.11 -18.16 6.47
C PHE B 56 6.38 -19.18 5.60
N MET C 1 -14.50 7.14 -8.37
CA MET C 1 -14.68 7.73 -7.05
C MET C 1 -14.72 6.68 -5.95
N GLN C 2 -13.64 6.61 -5.16
CA GLN C 2 -13.58 5.73 -4.01
C GLN C 2 -14.54 6.19 -2.94
N SER C 3 -15.19 5.25 -2.27
CA SER C 3 -16.14 5.57 -1.22
C SER C 3 -15.78 4.87 0.08
N ILE C 4 -15.38 5.65 1.08
CA ILE C 4 -14.98 5.08 2.36
C ILE C 4 -15.85 5.60 3.50
N ASN C 5 -15.86 4.88 4.61
CA ASN C 5 -16.65 5.28 5.76
C ASN C 5 -15.88 6.18 6.72
N PHE C 6 -16.62 6.85 7.58
CA PHE C 6 -16.04 7.84 8.51
C PHE C 6 -14.81 7.31 9.25
N ARG C 7 -14.91 6.10 9.80
CA ARG C 7 -13.83 5.55 10.59
C ARG C 7 -12.55 5.38 9.78
N THR C 8 -12.69 4.91 8.55
CA THR C 8 -11.54 4.71 7.69
C THR C 8 -10.92 6.05 7.29
N ALA C 9 -11.77 7.04 7.04
CA ALA C 9 -11.31 8.38 6.68
C ALA C 9 -10.55 9.04 7.84
N ARG C 10 -11.04 8.83 9.05
CA ARG C 10 -10.43 9.42 10.24
C ARG C 10 -9.02 8.88 10.47
N GLY C 11 -8.84 7.59 10.21
CA GLY C 11 -7.56 6.93 10.42
C GLY C 11 -6.56 7.16 9.29
N ASN C 12 -7.08 7.29 8.08
CA ASN C 12 -6.23 7.45 6.89
C ASN C 12 -6.44 8.78 6.17
N LEU C 13 -6.58 9.86 6.93
CA LEU C 13 -6.88 11.15 6.31
C LEU C 13 -5.78 11.60 5.35
N SER C 14 -4.53 11.45 5.76
CA SER C 14 -3.39 11.84 4.93
C SER C 14 -3.44 11.21 3.54
N GLU C 15 -3.68 9.89 3.50
CA GLU C 15 -3.77 9.18 2.23
C GLU C 15 -5.01 9.60 1.44
N VAL C 16 -6.11 9.86 2.15
CA VAL C 16 -7.29 10.39 1.49
C VAL C 16 -6.91 11.66 0.76
N LEU C 17 -6.22 12.56 1.45
CA LEU C 17 -5.75 13.80 0.86
C LEU C 17 -4.74 13.54 -0.27
N ASN C 18 -3.88 12.55 -0.08
CA ASN C 18 -2.94 12.14 -1.12
C ASN C 18 -3.66 11.88 -2.43
N ASN C 19 -4.74 11.09 -2.37
CA ASN C 19 -5.51 10.73 -3.54
C ASN C 19 -6.24 11.93 -4.16
N VAL C 20 -6.72 12.83 -3.30
CA VAL C 20 -7.36 14.05 -3.77
C VAL C 20 -6.37 14.94 -4.52
N GLU C 21 -5.17 15.08 -3.99
CA GLU C 21 -4.15 15.90 -4.64
C GLU C 21 -3.85 15.35 -6.04
N ALA C 22 -4.04 14.04 -6.23
CA ALA C 22 -3.76 13.41 -7.52
C ALA C 22 -4.96 13.45 -8.46
N GLY C 23 -5.98 14.23 -8.11
CA GLY C 23 -7.12 14.44 -8.99
C GLY C 23 -8.32 13.54 -8.73
N GLU C 24 -8.26 12.73 -7.67
CA GLU C 24 -9.34 11.79 -7.37
C GLU C 24 -10.46 12.45 -6.57
N GLU C 25 -11.67 11.90 -6.69
CA GLU C 25 -12.82 12.34 -5.90
C GLU C 25 -13.14 11.29 -4.85
N VAL C 26 -13.11 11.67 -3.57
CA VAL C 26 -13.31 10.71 -2.49
C VAL C 26 -14.60 10.92 -1.73
N GLU C 27 -15.50 9.95 -1.79
CA GLU C 27 -16.78 10.02 -1.10
C GLU C 27 -16.66 9.50 0.34
N ILE C 28 -17.11 10.31 1.29
CA ILE C 28 -17.07 9.92 2.69
C ILE C 28 -18.48 9.74 3.26
N THR C 29 -18.77 8.52 3.68
CA THR C 29 -20.11 8.14 4.13
C THR C 29 -20.13 7.87 5.63
N ARG C 30 -21.16 8.37 6.30
CA ARG C 30 -21.44 8.02 7.68
C ARG C 30 -22.83 7.43 7.75
N ARG C 31 -22.96 6.25 8.36
CA ARG C 31 -24.24 5.56 8.43
C ARG C 31 -25.35 6.48 8.91
N GLY C 32 -26.36 6.67 8.07
CA GLY C 32 -27.53 7.44 8.45
C GLY C 32 -27.45 8.92 8.14
N ARG C 33 -26.33 9.37 7.58
CA ARG C 33 -26.15 10.76 7.21
C ARG C 33 -25.97 10.85 5.70
N GLU C 34 -26.11 12.06 5.18
CA GLU C 34 -25.84 12.31 3.76
C GLU C 34 -24.35 12.18 3.49
N PRO C 35 -23.99 11.59 2.35
CA PRO C 35 -22.57 11.43 2.05
C PRO C 35 -21.93 12.77 1.72
N ALA C 36 -20.64 12.90 1.99
CA ALA C 36 -19.88 14.07 1.60
C ALA C 36 -18.91 13.67 0.49
N VAL C 37 -18.30 14.67 -0.15
CA VAL C 37 -17.23 14.39 -1.09
C VAL C 37 -16.06 15.33 -0.84
N ILE C 38 -14.86 14.79 -0.85
CA ILE C 38 -13.67 15.64 -0.82
C ILE C 38 -12.98 15.64 -2.18
N VAL C 39 -12.63 16.84 -2.64
CA VAL C 39 -12.07 17.00 -3.98
C VAL C 39 -11.14 18.21 -3.97
N SER C 40 -10.28 18.32 -4.97
CA SER C 40 -9.36 19.44 -5.02
C SER C 40 -10.15 20.74 -5.12
N LYS C 41 -9.70 21.76 -4.40
CA LYS C 41 -10.37 23.06 -4.38
C LYS C 41 -10.47 23.67 -5.77
N ALA C 42 -9.37 23.60 -6.52
CA ALA C 42 -9.33 24.17 -7.86
C ALA C 42 -10.39 23.54 -8.78
N THR C 43 -10.59 22.24 -8.64
CA THR C 43 -11.58 21.52 -9.44
C THR C 43 -13.01 21.96 -9.09
N PHE C 44 -13.30 21.99 -7.80
CA PHE C 44 -14.62 22.41 -7.31
C PHE C 44 -14.94 23.85 -7.73
N GLU C 45 -13.96 24.73 -7.60
CA GLU C 45 -14.17 26.14 -7.95
C GLU C 45 -14.40 26.31 -9.45
N ALA C 46 -13.71 25.51 -10.25
CA ALA C 46 -13.89 25.54 -11.71
C ALA C 46 -15.32 25.13 -12.08
N TYR C 47 -15.80 24.04 -11.50
CA TYR C 47 -17.17 23.60 -11.72
C TYR C 47 -18.13 24.70 -11.32
N LYS C 48 -17.96 25.19 -10.09
CA LYS C 48 -18.83 26.20 -9.54
C LYS C 48 -18.89 27.43 -10.44
N LYS C 49 -17.72 27.84 -10.94
CA LYS C 49 -17.64 28.99 -11.82
C LYS C 49 -18.45 28.78 -13.09
N ALA C 50 -18.17 27.69 -13.79
CA ALA C 50 -18.86 27.38 -15.05
C ALA C 50 -20.37 27.33 -14.85
N ALA C 51 -20.80 26.86 -13.69
CA ALA C 51 -22.22 26.80 -13.38
C ALA C 51 -22.82 28.19 -13.26
N LEU C 52 -22.19 29.02 -12.42
CA LEU C 52 -22.64 30.40 -12.22
C LEU C 52 -22.63 31.18 -13.53
N ASP C 53 -21.55 31.02 -14.30
CA ASP C 53 -21.38 31.73 -15.56
C ASP C 53 -22.44 31.38 -16.59
N ALA C 54 -22.73 30.10 -16.73
CA ALA C 54 -23.61 29.66 -17.76
C ALA C 54 -24.99 30.19 -17.51
N GLU C 55 -25.42 30.14 -16.27
CA GLU C 55 -26.80 30.40 -15.98
C GLU C 55 -27.09 31.04 -14.66
N PHE C 56 -27.42 32.32 -14.66
CA PHE C 56 -27.67 33.07 -15.87
C PHE C 56 -26.45 33.81 -16.30
N ALA C 57 -25.39 33.59 -15.56
CA ALA C 57 -24.32 34.51 -15.43
C ALA C 57 -25.00 35.40 -14.46
N SER C 58 -25.91 34.83 -13.71
CA SER C 58 -26.34 35.19 -12.39
C SER C 58 -25.43 34.42 -11.51
N MET D 1 -17.30 29.90 3.00
CA MET D 1 -16.63 28.61 3.14
C MET D 1 -15.62 28.61 4.27
N GLN D 2 -15.74 27.62 5.16
CA GLN D 2 -14.77 27.43 6.22
C GLN D 2 -13.45 26.98 5.63
N SER D 3 -12.36 27.20 6.36
CA SER D 3 -11.03 26.85 5.89
C SER D 3 -10.15 26.46 7.08
N ILE D 4 -9.55 25.27 7.01
CA ILE D 4 -8.81 24.74 8.14
C ILE D 4 -7.51 24.08 7.71
N ASN D 5 -6.66 23.77 8.68
CA ASN D 5 -5.45 23.02 8.38
C ASN D 5 -5.58 21.54 8.70
N PHE D 6 -4.63 20.76 8.20
CA PHE D 6 -4.70 19.31 8.32
C PHE D 6 -4.89 18.89 9.78
N ARG D 7 -4.16 19.55 10.67
CA ARG D 7 -4.25 19.25 12.10
C ARG D 7 -5.67 19.43 12.64
N THR D 8 -6.34 20.53 12.28
CA THR D 8 -7.71 20.75 12.74
C THR D 8 -8.67 19.71 12.16
N ALA D 9 -8.48 19.39 10.88
CA ALA D 9 -9.36 18.44 10.21
C ALA D 9 -9.29 17.07 10.84
N ARG D 10 -8.06 16.60 11.07
CA ARG D 10 -7.84 15.29 11.67
C ARG D 10 -8.45 15.21 13.07
N GLY D 11 -8.42 16.33 13.78
CA GLY D 11 -8.88 16.38 15.16
C GLY D 11 -10.36 16.63 15.35
N ASN D 12 -11.02 17.12 14.31
CA ASN D 12 -12.42 17.51 14.42
C ASN D 12 -13.27 17.03 13.24
N LEU D 13 -12.84 15.95 12.61
CA LEU D 13 -13.48 15.48 11.38
C LEU D 13 -14.99 15.25 11.49
N SER D 14 -15.46 14.78 12.64
CA SER D 14 -16.89 14.57 12.81
C SER D 14 -17.63 15.91 12.81
N GLU D 15 -17.03 16.91 13.45
CA GLU D 15 -17.60 18.26 13.45
C GLU D 15 -17.56 18.86 12.04
N VAL D 16 -16.46 18.63 11.32
CA VAL D 16 -16.36 19.11 9.95
C VAL D 16 -17.47 18.49 9.09
N LEU D 17 -17.63 17.18 9.17
CA LEU D 17 -18.65 16.48 8.41
C LEU D 17 -20.06 16.93 8.80
N ASN D 18 -20.22 17.34 10.04
CA ASN D 18 -21.50 17.89 10.49
C ASN D 18 -21.79 19.25 9.88
N ASN D 19 -20.75 20.07 9.76
CA ASN D 19 -20.89 21.37 9.10
C ASN D 19 -21.18 21.21 7.60
N VAL D 20 -20.56 20.21 7.00
CA VAL D 20 -20.81 19.89 5.60
C VAL D 20 -22.26 19.46 5.41
N GLU D 21 -22.75 18.56 6.26
CA GLU D 21 -24.17 18.19 6.25
C GLU D 21 -25.07 19.41 6.30
N ALA D 22 -24.71 20.38 7.15
CA ALA D 22 -25.52 21.58 7.32
C ALA D 22 -25.37 22.55 6.14
N GLY D 23 -24.56 22.17 5.16
CA GLY D 23 -24.48 22.91 3.91
C GLY D 23 -23.23 23.75 3.71
N GLU D 24 -22.25 23.62 4.61
CA GLU D 24 -21.02 24.39 4.48
C GLU D 24 -20.02 23.70 3.55
N GLU D 25 -19.16 24.50 2.94
CA GLU D 25 -18.04 23.98 2.19
C GLU D 25 -16.80 24.20 3.03
N VAL D 26 -16.04 23.14 3.26
CA VAL D 26 -14.88 23.22 4.14
C VAL D 26 -13.59 22.97 3.36
N GLU D 27 -12.75 23.99 3.29
CA GLU D 27 -11.44 23.86 2.67
C GLU D 27 -10.46 23.29 3.68
N ILE D 28 -9.67 22.31 3.26
CA ILE D 28 -8.64 21.72 4.09
C ILE D 28 -7.27 21.89 3.44
N THR D 29 -6.35 22.49 4.17
CA THR D 29 -5.04 22.80 3.62
C THR D 29 -3.89 22.21 4.42
N ARG D 30 -3.16 21.28 3.80
CA ARG D 30 -1.89 20.83 4.33
C ARG D 30 -0.83 21.85 3.94
N ARG D 31 0.20 22.00 4.78
CA ARG D 31 1.18 23.06 4.60
C ARG D 31 1.88 23.03 3.25
N GLY D 32 1.64 24.07 2.45
CA GLY D 32 2.30 24.23 1.16
C GLY D 32 1.63 23.55 0.00
N ARG D 33 0.67 22.67 0.29
CA ARG D 33 0.01 21.87 -0.74
C ARG D 33 -1.27 22.52 -1.24
N GLU D 34 -1.77 22.04 -2.38
CA GLU D 34 -3.01 22.55 -2.94
C GLU D 34 -4.16 22.20 -2.01
N PRO D 35 -5.08 23.16 -1.79
CA PRO D 35 -6.22 22.92 -0.89
C PRO D 35 -7.19 21.89 -1.46
N ALA D 36 -7.83 21.17 -0.56
CA ALA D 36 -8.96 20.31 -0.93
C ALA D 36 -10.21 20.90 -0.31
N VAL D 37 -11.36 20.50 -0.81
CA VAL D 37 -12.63 20.95 -0.26
C VAL D 37 -13.56 19.76 -0.05
N ILE D 38 -14.24 19.75 1.08
CA ILE D 38 -15.27 18.74 1.34
C ILE D 38 -16.62 19.43 1.39
N VAL D 39 -17.59 18.86 0.69
CA VAL D 39 -18.89 19.48 0.46
C VAL D 39 -19.89 18.35 0.32
N SER D 40 -21.17 18.63 0.56
CA SER D 40 -22.18 17.58 0.45
C SER D 40 -22.20 17.03 -0.97
N LYS D 41 -22.27 15.71 -1.08
CA LYS D 41 -22.24 15.05 -2.38
C LYS D 41 -23.32 15.55 -3.33
N ALA D 42 -24.50 15.84 -2.78
CA ALA D 42 -25.61 16.31 -3.59
C ALA D 42 -25.30 17.67 -4.21
N THR D 43 -24.61 18.51 -3.46
CA THR D 43 -24.16 19.80 -3.98
C THR D 43 -23.11 19.62 -5.06
N PHE D 44 -22.09 18.81 -4.76
CA PHE D 44 -21.02 18.53 -5.70
C PHE D 44 -21.55 18.00 -7.03
N GLU D 45 -22.49 17.07 -6.95
CA GLU D 45 -23.04 16.44 -8.15
C GLU D 45 -23.84 17.45 -8.97
N ALA D 46 -24.54 18.33 -8.27
CA ALA D 46 -25.32 19.37 -8.94
C ALA D 46 -24.42 20.37 -9.69
N TYR D 47 -23.34 20.79 -9.05
CA TYR D 47 -22.40 21.72 -9.69
C TYR D 47 -21.69 21.05 -10.86
N LYS D 48 -21.26 19.81 -10.66
CA LYS D 48 -20.56 19.06 -11.70
C LYS D 48 -21.46 18.92 -12.92
N LYS D 49 -22.73 18.62 -12.67
CA LYS D 49 -23.73 18.52 -13.71
C LYS D 49 -23.81 19.83 -14.50
N ALA D 50 -23.95 20.94 -13.77
CA ALA D 50 -24.05 22.25 -14.40
C ALA D 50 -22.80 22.57 -15.22
N ALA D 51 -21.63 22.28 -14.67
CA ALA D 51 -20.39 22.48 -15.40
C ALA D 51 -20.46 21.76 -16.75
N LEU D 52 -20.91 20.52 -16.71
CA LEU D 52 -21.00 19.69 -17.90
C LEU D 52 -21.95 20.25 -18.95
N ASP D 53 -23.12 20.67 -18.51
CA ASP D 53 -24.12 21.22 -19.41
C ASP D 53 -23.63 22.50 -20.06
N ALA D 54 -22.81 23.26 -19.34
CA ALA D 54 -22.22 24.48 -19.88
C ALA D 54 -21.24 24.16 -21.00
N GLU D 55 -20.43 23.13 -20.81
CA GLU D 55 -19.38 22.80 -21.76
C GLU D 55 -19.87 21.95 -22.93
N PHE D 56 -20.90 21.13 -22.70
CA PHE D 56 -21.39 20.20 -23.71
C PHE D 56 -22.85 20.45 -24.08
N MET E 1 16.55 16.16 17.66
CA MET E 1 16.19 14.96 16.93
C MET E 1 15.02 14.24 17.60
N GLN E 2 13.84 14.35 17.01
CA GLN E 2 12.66 13.69 17.54
C GLN E 2 12.85 12.18 17.61
N SER E 3 12.72 11.61 18.80
CA SER E 3 12.84 10.16 18.96
C SER E 3 11.47 9.49 19.02
N ILE E 4 11.32 8.42 18.27
CA ILE E 4 10.05 7.70 18.22
C ILE E 4 10.32 6.20 18.22
N ASN E 5 9.34 5.42 18.68
CA ASN E 5 9.52 3.98 18.80
C ASN E 5 9.23 3.24 17.50
N PHE E 6 9.71 2.00 17.43
CA PHE E 6 9.58 1.16 16.25
C PHE E 6 8.13 1.00 15.77
N ARG E 7 7.25 0.58 16.68
CA ARG E 7 5.86 0.36 16.31
C ARG E 7 5.22 1.60 15.69
N THR E 8 5.43 2.75 16.34
CA THR E 8 4.84 3.99 15.89
C THR E 8 5.35 4.42 14.51
N ALA E 9 6.64 4.23 14.28
CA ALA E 9 7.23 4.55 12.98
C ALA E 9 6.59 3.71 11.88
N ARG E 10 6.30 2.46 12.21
CA ARG E 10 5.70 1.52 11.26
C ARG E 10 4.37 2.04 10.70
N GLY E 11 3.53 2.56 11.60
CA GLY E 11 2.22 3.05 11.21
C GLY E 11 2.26 4.41 10.54
N ASN E 12 3.22 5.24 10.96
CA ASN E 12 3.29 6.62 10.48
C ASN E 12 4.50 6.91 9.60
N LEU E 13 4.92 5.93 8.80
CA LEU E 13 6.09 6.13 7.95
C LEU E 13 5.96 7.35 7.05
N SER E 14 4.78 7.53 6.47
CA SER E 14 4.54 8.67 5.57
C SER E 14 4.70 10.01 6.27
N GLU E 15 4.15 10.13 7.47
CA GLU E 15 4.29 11.35 8.26
C GLU E 15 5.76 11.57 8.61
N VAL E 16 6.44 10.50 9.03
CA VAL E 16 7.85 10.58 9.35
C VAL E 16 8.66 11.14 8.18
N LEU E 17 8.38 10.62 6.98
CA LEU E 17 9.10 11.05 5.79
C LEU E 17 8.81 12.49 5.43
N ASN E 18 7.60 12.95 5.73
CA ASN E 18 7.26 14.35 5.49
C ASN E 18 8.05 15.30 6.37
N ASN E 19 8.18 14.97 7.64
CA ASN E 19 9.00 15.74 8.56
C ASN E 19 10.46 15.74 8.12
N VAL E 20 10.94 14.59 7.68
CA VAL E 20 12.32 14.48 7.19
C VAL E 20 12.55 15.44 6.03
N GLU E 21 11.57 15.52 5.12
CA GLU E 21 11.65 16.46 4.02
C GLU E 21 11.68 17.92 4.49
N ALA E 22 10.97 18.21 5.57
CA ALA E 22 10.96 19.55 6.15
C ALA E 22 12.31 19.91 6.76
N GLY E 23 13.20 18.92 6.83
CA GLY E 23 14.56 19.16 7.32
C GLY E 23 14.82 18.64 8.72
N GLU E 24 13.90 17.83 9.24
CA GLU E 24 14.07 17.24 10.57
C GLU E 24 14.88 15.95 10.52
N GLU E 25 15.42 15.55 11.67
CA GLU E 25 16.07 14.26 11.82
C GLU E 25 15.29 13.44 12.84
N VAL E 26 14.84 12.25 12.46
CA VAL E 26 14.00 11.43 13.34
C VAL E 26 14.66 10.13 13.77
N GLU E 27 14.87 9.98 15.07
CA GLU E 27 15.46 8.77 15.64
C GLU E 27 14.42 7.67 15.81
N ILE E 28 14.78 6.46 15.39
CA ILE E 28 13.89 5.30 15.49
C ILE E 28 14.51 4.23 16.39
N THR E 29 13.79 3.85 17.44
CA THR E 29 14.34 2.94 18.44
C THR E 29 13.53 1.65 18.56
N ARG E 30 14.24 0.53 18.63
CA ARG E 30 13.65 -0.76 18.97
C ARG E 30 14.37 -1.26 20.21
N ARG E 31 13.63 -1.79 21.17
CA ARG E 31 14.25 -2.28 22.39
C ARG E 31 15.26 -3.38 22.09
N GLY E 32 16.47 -3.19 22.60
CA GLY E 32 17.54 -4.16 22.42
C GLY E 32 18.28 -3.99 21.12
N ARG E 33 17.83 -3.06 20.29
CA ARG E 33 18.45 -2.83 18.99
C ARG E 33 19.15 -1.48 18.98
N GLU E 34 20.17 -1.35 18.14
CA GLU E 34 20.81 -0.06 17.94
C GLU E 34 19.83 0.87 17.24
N PRO E 35 19.77 2.12 17.70
CA PRO E 35 18.87 3.12 17.13
C PRO E 35 19.25 3.49 15.71
N ALA E 36 18.24 3.79 14.90
CA ALA E 36 18.47 4.31 13.56
C ALA E 36 18.04 5.77 13.51
N VAL E 37 18.56 6.49 12.52
CA VAL E 37 18.12 7.85 12.26
C VAL E 37 17.63 7.93 10.83
N ILE E 38 16.52 8.63 10.62
CA ILE E 38 16.09 8.92 9.25
C ILE E 38 16.22 10.41 8.97
N VAL E 39 16.97 10.72 7.92
CA VAL E 39 17.25 12.10 7.53
C VAL E 39 17.09 12.22 6.01
N SER E 40 17.07 13.44 5.51
CA SER E 40 16.92 13.64 4.06
C SER E 40 18.16 13.15 3.32
N LYS E 41 17.96 12.66 2.10
CA LYS E 41 19.07 12.14 1.30
C LYS E 41 20.08 13.24 0.99
N ALA E 42 19.57 14.39 0.58
CA ALA E 42 20.42 15.53 0.29
C ALA E 42 21.32 15.86 1.48
N THR E 43 20.69 16.05 2.64
CA THR E 43 21.43 16.37 3.85
C THR E 43 22.51 15.34 4.18
N PHE E 44 22.15 14.06 4.11
CA PHE E 44 23.08 12.99 4.46
C PHE E 44 24.32 12.98 3.55
N GLU E 45 24.12 13.06 2.24
CA GLU E 45 25.24 13.08 1.32
C GLU E 45 26.09 14.34 1.48
N ALA E 46 25.46 15.44 1.90
CA ALA E 46 26.20 16.67 2.16
C ALA E 46 27.18 16.49 3.31
N TYR E 47 26.74 15.81 4.36
CA TYR E 47 27.63 15.50 5.48
C TYR E 47 28.71 14.52 5.04
N LYS E 48 28.29 13.49 4.32
CA LYS E 48 29.21 12.47 3.82
C LYS E 48 30.26 13.10 2.91
N LYS E 49 29.82 13.97 2.00
CA LYS E 49 30.74 14.63 1.08
C LYS E 49 31.79 15.44 1.83
N ALA E 50 31.34 16.28 2.76
CA ALA E 50 32.26 17.12 3.53
C ALA E 50 33.26 16.28 4.31
N ALA E 51 32.81 15.15 4.84
CA ALA E 51 33.68 14.24 5.58
C ALA E 51 34.52 13.40 4.63
N LEU E 52 33.95 13.08 3.47
CA LEU E 52 34.68 12.33 2.45
C LEU E 52 35.72 13.23 1.80
N ASP E 53 35.45 14.53 1.82
CA ASP E 53 36.38 15.51 1.29
C ASP E 53 37.53 15.72 2.27
N ALA E 54 38.27 14.64 2.54
CA ALA E 54 39.42 14.68 3.43
C ALA E 54 39.87 13.26 3.78
N GLN F 2 22.38 1.34 -1.50
CA GLN F 2 21.28 0.45 -1.16
C GLN F 2 19.94 1.16 -1.32
N SER F 3 19.47 1.30 -2.55
CA SER F 3 18.21 1.96 -2.82
C SER F 3 17.04 1.02 -2.58
N ILE F 4 15.91 1.59 -2.18
CA ILE F 4 14.71 0.83 -1.89
C ILE F 4 13.52 1.80 -1.98
N ASN F 5 12.34 1.28 -2.29
CA ASN F 5 11.18 2.14 -2.47
C ASN F 5 10.28 2.19 -1.23
N PHE F 6 9.36 3.14 -1.25
CA PHE F 6 8.51 3.42 -0.11
C PHE F 6 7.58 2.26 0.24
N ARG F 7 6.92 1.71 -0.78
CA ARG F 7 6.04 0.56 -0.60
C ARG F 7 6.78 -0.59 0.07
N THR F 8 7.99 -0.86 -0.39
CA THR F 8 8.82 -1.91 0.21
C THR F 8 9.15 -1.57 1.66
N ALA F 9 9.48 -0.31 1.90
CA ALA F 9 9.87 0.14 3.23
C ALA F 9 8.71 0.07 4.23
N ARG F 10 7.56 0.58 3.83
CA ARG F 10 6.40 0.62 4.73
C ARG F 10 5.88 -0.78 5.04
N GLY F 11 6.27 -1.75 4.22
CA GLY F 11 5.80 -3.11 4.38
C GLY F 11 6.79 -4.04 5.05
N ASN F 12 8.05 -3.63 5.09
CA ASN F 12 9.11 -4.46 5.66
C ASN F 12 10.10 -3.63 6.46
N LEU F 13 9.59 -2.71 7.28
CA LEU F 13 10.44 -1.78 8.01
C LEU F 13 11.39 -2.47 8.99
N SER F 14 10.91 -3.51 9.67
CA SER F 14 11.73 -4.22 10.64
C SER F 14 12.91 -4.91 9.95
N GLU F 15 12.68 -5.43 8.75
CA GLU F 15 13.76 -6.03 7.97
C GLU F 15 14.72 -4.95 7.48
N VAL F 16 14.18 -3.80 7.10
CA VAL F 16 15.01 -2.69 6.67
C VAL F 16 15.88 -2.21 7.83
N LEU F 17 15.27 -2.13 9.01
CA LEU F 17 16.01 -1.78 10.23
C LEU F 17 17.10 -2.80 10.53
N ASN F 18 16.85 -4.07 10.22
CA ASN F 18 17.87 -5.09 10.40
C ASN F 18 19.08 -4.85 9.48
N ASN F 19 18.83 -4.54 8.22
CA ASN F 19 19.89 -4.23 7.27
C ASN F 19 20.67 -2.99 7.71
N VAL F 20 19.94 -1.99 8.19
CA VAL F 20 20.53 -0.78 8.75
C VAL F 20 21.43 -1.11 9.93
N GLU F 21 20.90 -1.86 10.90
CA GLU F 21 21.70 -2.23 12.06
C GLU F 21 22.95 -2.97 11.60
N ALA F 22 22.87 -3.62 10.44
CA ALA F 22 23.99 -4.36 9.89
C ALA F 22 25.06 -3.43 9.31
N GLY F 23 24.87 -2.13 9.49
CA GLY F 23 25.82 -1.15 9.00
C GLY F 23 25.51 -0.70 7.59
N GLU F 24 24.36 -1.08 7.08
CA GLU F 24 23.97 -0.70 5.73
C GLU F 24 23.27 0.66 5.70
N GLU F 25 23.57 1.42 4.66
CA GLU F 25 22.94 2.72 4.46
C GLU F 25 21.87 2.60 3.41
N VAL F 26 20.61 2.65 3.85
CA VAL F 26 19.49 2.37 2.97
C VAL F 26 18.80 3.65 2.53
N GLU F 27 18.79 3.88 1.22
CA GLU F 27 18.07 5.00 0.64
C GLU F 27 16.63 4.58 0.35
N ILE F 28 15.67 5.34 0.87
CA ILE F 28 14.25 5.07 0.64
C ILE F 28 13.67 6.10 -0.31
N THR F 29 12.85 5.65 -1.26
CA THR F 29 12.32 6.56 -2.27
C THR F 29 10.81 6.50 -2.46
N ARG F 30 10.19 7.67 -2.55
CA ARG F 30 8.82 7.79 -3.04
C ARG F 30 8.90 8.47 -4.40
N ARG F 31 8.23 7.92 -5.41
CA ARG F 31 8.25 8.51 -6.74
C ARG F 31 7.62 9.90 -6.72
N GLY F 32 8.37 10.89 -7.20
CA GLY F 32 7.92 12.26 -7.20
C GLY F 32 8.17 12.94 -5.87
N ARG F 33 9.08 12.38 -5.09
CA ARG F 33 9.39 12.91 -3.76
C ARG F 33 10.90 12.91 -3.51
N GLU F 34 11.34 13.70 -2.54
CA GLU F 34 12.74 13.76 -2.19
C GLU F 34 13.15 12.54 -1.38
N PRO F 35 14.18 11.82 -1.84
CA PRO F 35 14.61 10.59 -1.19
C PRO F 35 15.02 10.82 0.27
N ALA F 36 14.91 9.77 1.08
CA ALA F 36 15.34 9.85 2.47
C ALA F 36 16.28 8.70 2.78
N VAL F 37 17.16 8.90 3.75
CA VAL F 37 18.09 7.87 4.13
C VAL F 37 17.86 7.43 5.56
N ILE F 38 17.84 6.12 5.78
CA ILE F 38 17.84 5.59 7.12
C ILE F 38 19.16 4.87 7.34
N VAL F 39 19.81 5.19 8.46
CA VAL F 39 21.16 4.73 8.72
C VAL F 39 21.29 4.60 10.23
N SER F 40 22.30 3.87 10.69
CA SER F 40 22.49 3.71 12.13
C SER F 40 22.90 5.04 12.75
N LYS F 41 22.32 5.34 13.91
CA LYS F 41 22.58 6.59 14.60
C LYS F 41 24.08 6.85 14.80
N ALA F 42 24.83 5.79 15.10
CA ALA F 42 26.26 5.91 15.33
C ALA F 42 26.98 6.42 14.09
N THR F 43 26.66 5.82 12.94
CA THR F 43 27.26 6.24 11.67
C THR F 43 26.87 7.67 11.35
N PHE F 44 25.60 8.02 11.56
CA PHE F 44 25.10 9.36 11.29
C PHE F 44 25.82 10.40 12.14
N GLU F 45 25.89 10.16 13.44
CA GLU F 45 26.56 11.09 14.36
C GLU F 45 28.02 11.25 13.95
N ALA F 46 28.67 10.15 13.60
CA ALA F 46 30.07 10.19 13.17
C ALA F 46 30.28 11.07 11.94
N TYR F 47 29.43 10.92 10.94
CA TYR F 47 29.51 11.74 9.74
C TYR F 47 29.17 13.19 10.07
N LYS F 48 28.14 13.38 10.87
CA LYS F 48 27.68 14.71 11.28
C LYS F 48 28.82 15.49 11.94
N LYS F 49 29.54 14.84 12.84
CA LYS F 49 30.66 15.48 13.52
C LYS F 49 31.78 15.82 12.54
N ALA F 50 32.06 14.89 11.63
CA ALA F 50 33.12 15.09 10.65
C ALA F 50 32.78 16.23 9.69
N ALA F 51 31.52 16.33 9.31
CA ALA F 51 31.07 17.44 8.48
C ALA F 51 31.25 18.76 9.22
N LEU F 52 30.88 18.77 10.50
CA LEU F 52 31.00 19.97 11.32
C LEU F 52 32.45 20.41 11.47
N ASP F 53 33.34 19.45 11.69
CA ASP F 53 34.76 19.76 11.83
C ASP F 53 35.30 20.39 10.56
N ALA F 54 34.74 19.98 9.43
CA ALA F 54 35.14 20.52 8.14
C ALA F 54 34.88 22.02 8.09
N GLU F 55 33.66 22.39 8.41
CA GLU F 55 33.20 23.75 8.29
C GLU F 55 33.61 24.66 9.42
N PHE F 56 33.63 24.16 10.64
CA PHE F 56 34.08 24.95 11.76
C PHE F 56 35.40 24.47 12.34
N MET G 1 2.59 -7.13 -2.97
CA MET G 1 3.31 -7.59 -4.15
C MET G 1 3.31 -6.53 -5.25
N GLN G 2 4.46 -5.89 -5.43
CA GLN G 2 4.60 -4.84 -6.43
C GLN G 2 4.68 -5.43 -7.83
N SER G 3 4.05 -4.76 -8.79
CA SER G 3 4.13 -5.15 -10.19
C SER G 3 4.96 -4.15 -10.99
N ILE G 4 5.88 -4.67 -11.79
CA ILE G 4 6.80 -3.83 -12.54
C ILE G 4 6.93 -4.40 -13.95
N ASN G 5 7.23 -3.56 -14.94
CA ASN G 5 7.37 -4.04 -16.31
C ASN G 5 8.80 -4.45 -16.62
N PHE G 6 9.01 -5.06 -17.79
CA PHE G 6 10.32 -5.58 -18.15
C PHE G 6 11.38 -4.49 -18.21
N ARG G 7 11.09 -3.43 -18.94
CA ARG G 7 12.02 -2.32 -19.12
C ARG G 7 12.58 -1.86 -17.77
N THR G 8 11.71 -1.82 -16.76
CA THR G 8 12.12 -1.43 -15.42
C THR G 8 12.90 -2.55 -14.72
N ALA G 9 12.41 -3.78 -14.83
CA ALA G 9 13.10 -4.92 -14.25
C ALA G 9 14.53 -5.00 -14.75
N ARG G 10 14.72 -4.80 -16.05
CA ARG G 10 16.07 -4.86 -16.63
C ARG G 10 16.85 -3.58 -16.34
N GLY G 11 16.25 -2.44 -16.59
CA GLY G 11 16.92 -1.16 -16.40
C GLY G 11 17.27 -0.85 -14.96
N ASN G 12 16.49 -1.40 -14.04
CA ASN G 12 16.64 -1.09 -12.62
C ASN G 12 16.91 -2.31 -11.75
N LEU G 13 17.49 -3.34 -12.36
CA LEU G 13 17.64 -4.65 -11.71
C LEU G 13 18.30 -4.59 -10.32
N SER G 14 19.24 -3.66 -10.13
CA SER G 14 19.94 -3.55 -8.85
C SER G 14 19.00 -3.13 -7.74
N GLU G 15 18.11 -2.18 -8.03
CA GLU G 15 17.18 -1.67 -7.03
C GLU G 15 16.05 -2.67 -6.80
N VAL G 16 15.71 -3.44 -7.83
CA VAL G 16 14.71 -4.49 -7.69
C VAL G 16 15.20 -5.56 -6.73
N LEU G 17 16.46 -5.95 -6.86
CA LEU G 17 17.06 -6.95 -5.97
C LEU G 17 17.12 -6.46 -4.54
N ASN G 18 17.30 -5.14 -4.36
CA ASN G 18 17.26 -4.53 -3.05
C ASN G 18 15.87 -4.64 -2.41
N ASN G 19 14.85 -4.23 -3.15
CA ASN G 19 13.48 -4.38 -2.70
C ASN G 19 13.20 -5.82 -2.28
N VAL G 20 13.74 -6.75 -3.05
CA VAL G 20 13.52 -8.17 -2.81
C VAL G 20 14.27 -8.67 -1.58
N GLU G 21 15.53 -8.27 -1.45
CA GLU G 21 16.32 -8.66 -0.28
C GLU G 21 15.67 -8.15 1.01
N ALA G 22 14.97 -7.03 0.91
CA ALA G 22 14.27 -6.46 2.06
C ALA G 22 12.99 -7.23 2.40
N GLY G 23 12.63 -8.20 1.55
CA GLY G 23 11.50 -9.07 1.83
C GLY G 23 10.27 -8.84 0.96
N GLU G 24 10.42 -8.00 -0.06
CA GLU G 24 9.31 -7.70 -0.97
C GLU G 24 9.17 -8.73 -2.08
N GLU G 25 7.95 -8.92 -2.56
CA GLU G 25 7.69 -9.82 -3.68
C GLU G 25 7.38 -8.99 -4.92
N VAL G 26 8.21 -9.12 -5.94
CA VAL G 26 8.07 -8.31 -7.14
C VAL G 26 7.62 -9.14 -8.35
N GLU G 27 6.47 -8.77 -8.91
CA GLU G 27 6.02 -9.38 -10.16
C GLU G 27 6.56 -8.60 -11.35
N ILE G 28 7.15 -9.33 -12.29
CA ILE G 28 7.57 -8.72 -13.54
C ILE G 28 6.59 -9.11 -14.63
N THR G 29 5.92 -8.11 -15.18
CA THR G 29 5.02 -8.32 -16.30
C THR G 29 5.76 -8.09 -17.61
N ARG G 30 5.33 -8.78 -18.66
CA ARG G 30 5.93 -8.62 -19.98
C ARG G 30 4.82 -8.48 -21.01
N ARG G 31 5.03 -7.61 -21.99
CA ARG G 31 4.06 -7.44 -23.07
C ARG G 31 3.81 -8.77 -23.77
N GLY G 32 2.60 -9.29 -23.65
CA GLY G 32 2.20 -10.51 -24.34
C GLY G 32 2.86 -11.78 -23.83
N ARG G 33 3.13 -11.83 -22.54
CA ARG G 33 3.77 -12.99 -21.93
C ARG G 33 3.21 -13.25 -20.54
N GLU G 34 3.52 -14.42 -19.98
CA GLU G 34 3.15 -14.71 -18.61
C GLU G 34 4.05 -13.95 -17.66
N PRO G 35 3.51 -13.51 -16.53
CA PRO G 35 4.27 -12.76 -15.53
C PRO G 35 5.20 -13.67 -14.72
N ALA G 36 6.36 -13.13 -14.35
CA ALA G 36 7.27 -13.85 -13.48
C ALA G 36 7.28 -13.19 -12.10
N VAL G 37 7.90 -13.86 -11.14
CA VAL G 37 8.02 -13.31 -9.80
C VAL G 37 9.45 -13.43 -9.31
N ILE G 38 10.00 -12.32 -8.81
CA ILE G 38 11.29 -12.38 -8.16
C ILE G 38 11.11 -12.23 -6.65
N VAL G 39 11.83 -13.06 -5.91
CA VAL G 39 11.66 -13.12 -4.46
C VAL G 39 12.95 -13.65 -3.83
N SER G 40 13.13 -13.38 -2.54
CA SER G 40 14.29 -13.90 -1.82
C SER G 40 14.32 -15.42 -1.87
N LYS G 41 15.51 -15.99 -2.07
CA LYS G 41 15.64 -17.44 -2.15
C LYS G 41 15.26 -18.11 -0.82
N ALA G 42 15.72 -17.55 0.29
CA ALA G 42 15.40 -18.08 1.60
C ALA G 42 13.88 -18.21 1.78
N THR G 43 13.16 -17.14 1.47
CA THR G 43 11.69 -17.17 1.55
C THR G 43 11.14 -18.23 0.63
N PHE G 44 11.63 -18.25 -0.60
CA PHE G 44 11.14 -19.19 -1.61
C PHE G 44 11.42 -20.62 -1.20
N GLU G 45 12.63 -20.88 -0.74
CA GLU G 45 12.98 -22.22 -0.26
C GLU G 45 12.18 -22.59 0.99
N ALA G 46 11.91 -21.59 1.83
CA ALA G 46 11.08 -21.83 3.01
C ALA G 46 9.67 -22.26 2.60
N TYR G 47 9.10 -21.57 1.62
CA TYR G 47 7.80 -21.98 1.09
C TYR G 47 7.89 -23.41 0.56
N LYS G 48 8.91 -23.68 -0.23
CA LYS G 48 9.10 -25.01 -0.81
C LYS G 48 9.27 -26.11 0.24
N LYS G 49 10.03 -25.84 1.28
CA LYS G 49 10.21 -26.80 2.37
C LYS G 49 8.87 -27.06 3.05
N ALA G 50 8.18 -25.98 3.40
CA ALA G 50 6.89 -26.07 4.07
C ALA G 50 5.91 -26.90 3.25
N ALA G 51 5.83 -26.62 1.95
CA ALA G 51 4.97 -27.39 1.06
C ALA G 51 5.39 -28.85 1.01
N LEU G 52 6.70 -29.09 1.11
CA LEU G 52 7.21 -30.45 1.13
C LEU G 52 7.36 -30.96 2.56
N MET H 1 16.97 -25.75 -11.25
CA MET H 1 17.42 -24.40 -10.93
C MET H 1 18.83 -24.14 -11.44
N GLN H 2 18.98 -23.10 -12.26
CA GLN H 2 20.29 -22.70 -12.77
C GLN H 2 20.74 -21.42 -12.06
N SER H 3 22.01 -21.39 -11.68
CA SER H 3 22.53 -20.24 -10.95
C SER H 3 23.23 -19.25 -11.87
N ILE H 4 22.95 -17.97 -11.65
CA ILE H 4 23.47 -16.92 -12.52
C ILE H 4 23.80 -15.68 -11.71
N ASN H 5 24.90 -15.01 -12.07
CA ASN H 5 25.31 -13.78 -11.39
C ASN H 5 24.58 -12.56 -11.93
N PHE H 6 24.57 -11.49 -11.13
CA PHE H 6 23.82 -10.28 -11.45
C PHE H 6 24.08 -9.70 -12.85
N ARG H 7 25.36 -9.56 -13.21
CA ARG H 7 25.70 -8.96 -14.50
C ARG H 7 25.18 -9.80 -15.65
N THR H 8 25.32 -11.12 -15.53
CA THR H 8 24.82 -12.04 -16.55
C THR H 8 23.29 -11.96 -16.63
N ALA H 9 22.64 -11.85 -15.48
CA ALA H 9 21.19 -11.73 -15.42
C ALA H 9 20.72 -10.52 -16.20
N ARG H 10 21.30 -9.37 -15.91
CA ARG H 10 20.94 -8.13 -16.57
C ARG H 10 21.19 -8.23 -18.08
N GLY H 11 22.32 -8.83 -18.44
CA GLY H 11 22.73 -8.92 -19.83
C GLY H 11 21.97 -9.95 -20.64
N ASN H 12 21.17 -10.77 -19.96
CA ASN H 12 20.38 -11.80 -20.62
C ASN H 12 18.99 -11.96 -20.00
N LEU H 13 18.41 -10.86 -19.51
CA LEU H 13 17.19 -10.95 -18.73
C LEU H 13 16.00 -11.52 -19.50
N SER H 14 15.87 -11.09 -20.75
CA SER H 14 14.78 -11.57 -21.60
C SER H 14 14.79 -13.09 -21.75
N GLU H 15 15.95 -13.64 -22.09
CA GLU H 15 16.12 -15.08 -22.21
C GLU H 15 15.90 -15.77 -20.87
N VAL H 16 16.44 -15.18 -19.81
CA VAL H 16 16.21 -15.71 -18.46
C VAL H 16 14.73 -15.90 -18.19
N LEU H 17 13.93 -14.87 -18.45
CA LEU H 17 12.49 -14.91 -18.19
C LEU H 17 11.76 -15.90 -19.10
N ASN H 18 12.24 -16.07 -20.32
CA ASN H 18 11.68 -17.07 -21.22
C ASN H 18 11.82 -18.46 -20.61
N ASN H 19 13.02 -18.79 -20.15
CA ASN H 19 13.28 -20.08 -19.52
C ASN H 19 12.44 -20.29 -18.26
N VAL H 20 12.33 -19.23 -17.46
CA VAL H 20 11.49 -19.23 -16.26
C VAL H 20 10.04 -19.55 -16.60
N GLU H 21 9.53 -18.93 -17.66
CA GLU H 21 8.14 -19.10 -18.08
C GLU H 21 7.81 -20.58 -18.30
N ALA H 22 8.82 -21.36 -18.67
CA ALA H 22 8.63 -22.77 -18.96
C ALA H 22 8.76 -23.64 -17.71
N GLY H 23 8.95 -23.02 -16.55
CA GLY H 23 8.98 -23.75 -15.30
C GLY H 23 10.32 -23.73 -14.57
N GLU H 24 11.34 -23.22 -15.24
CA GLU H 24 12.68 -23.17 -14.64
C GLU H 24 12.76 -22.15 -13.50
N GLU H 25 13.58 -22.46 -12.50
CA GLU H 25 13.88 -21.50 -11.43
C GLU H 25 15.30 -20.97 -11.63
N VAL H 26 15.46 -19.65 -11.56
CA VAL H 26 16.77 -19.05 -11.76
C VAL H 26 17.25 -18.24 -10.57
N GLU H 27 18.30 -18.73 -9.92
CA GLU H 27 18.90 -18.01 -8.81
C GLU H 27 19.79 -16.88 -9.32
N ILE H 28 19.60 -15.69 -8.77
CA ILE H 28 20.46 -14.56 -9.06
C ILE H 28 21.32 -14.24 -7.84
N THR H 29 22.62 -14.13 -8.05
CA THR H 29 23.55 -13.91 -6.94
C THR H 29 24.26 -12.57 -7.03
N ARG H 30 24.48 -11.94 -5.88
CA ARG H 30 25.32 -10.74 -5.80
C ARG H 30 26.44 -11.00 -4.78
N ARG H 31 27.59 -10.35 -4.99
CA ARG H 31 28.78 -10.65 -4.20
C ARG H 31 28.56 -10.77 -2.70
N GLY H 32 28.12 -9.69 -2.05
CA GLY H 32 28.03 -9.67 -0.60
C GLY H 32 26.63 -9.63 -0.03
N ARG H 33 25.65 -10.16 -0.77
CA ARG H 33 24.28 -10.19 -0.30
C ARG H 33 23.58 -11.52 -0.55
N GLU H 34 22.35 -11.63 -0.06
CA GLU H 34 21.55 -12.84 -0.22
C GLU H 34 21.00 -12.97 -1.63
N PRO H 35 20.96 -14.20 -2.15
CA PRO H 35 20.50 -14.49 -3.51
C PRO H 35 18.99 -14.33 -3.66
N ALA H 36 18.57 -13.92 -4.85
CA ALA H 36 17.15 -13.86 -5.19
C ALA H 36 16.84 -14.97 -6.18
N VAL H 37 15.55 -15.23 -6.38
CA VAL H 37 15.13 -16.22 -7.35
C VAL H 37 13.99 -15.69 -8.22
N ILE H 38 14.09 -15.94 -9.52
CA ILE H 38 12.98 -15.67 -10.44
C ILE H 38 12.27 -16.97 -10.75
N VAL H 39 10.95 -16.96 -10.60
CA VAL H 39 10.13 -18.13 -10.86
C VAL H 39 8.83 -17.66 -11.50
N SER H 40 8.14 -18.54 -12.22
CA SER H 40 6.89 -18.15 -12.85
C SER H 40 5.91 -17.72 -11.78
N LYS H 41 5.00 -16.80 -12.11
CA LYS H 41 4.02 -16.32 -11.15
C LYS H 41 3.10 -17.43 -10.67
N ALA H 42 2.62 -18.24 -11.61
CA ALA H 42 1.73 -19.34 -11.29
C ALA H 42 2.38 -20.31 -10.31
N THR H 43 3.61 -20.71 -10.62
CA THR H 43 4.36 -21.62 -9.74
C THR H 43 4.53 -21.02 -8.36
N PHE H 44 5.00 -19.77 -8.29
CA PHE H 44 5.19 -19.10 -7.03
C PHE H 44 3.91 -19.14 -6.20
N GLU H 45 2.79 -18.85 -6.84
CA GLU H 45 1.49 -18.87 -6.18
C GLU H 45 1.17 -20.27 -5.68
N ALA H 46 1.45 -21.26 -6.51
CA ALA H 46 1.23 -22.65 -6.14
C ALA H 46 1.94 -23.02 -4.84
N TYR H 47 3.26 -22.81 -4.80
CA TYR H 47 4.05 -23.16 -3.63
C TYR H 47 3.66 -22.33 -2.41
N LYS H 48 3.36 -21.06 -2.65
CA LYS H 48 2.99 -20.13 -1.59
C LYS H 48 1.70 -20.56 -0.91
N LYS H 49 0.69 -20.86 -1.72
CA LYS H 49 -0.60 -21.33 -1.21
C LYS H 49 -0.42 -22.59 -0.38
N ALA H 50 0.38 -23.53 -0.89
CA ALA H 50 0.66 -24.77 -0.20
C ALA H 50 1.37 -24.51 1.13
N ALA H 51 2.32 -23.59 1.11
CA ALA H 51 3.03 -23.20 2.32
C ALA H 51 2.05 -22.66 3.35
N LEU H 52 1.15 -21.79 2.91
CA LEU H 52 0.13 -21.22 3.79
C LEU H 52 -0.87 -22.28 4.25
N ASP H 53 -1.44 -23.01 3.29
CA ASP H 53 -2.44 -24.03 3.57
C ASP H 53 -1.99 -24.99 4.68
N ALA H 54 -1.02 -25.84 4.38
CA ALA H 54 -0.49 -26.77 5.36
C ALA H 54 0.47 -26.06 6.32
N GLU H 55 -0.11 -25.25 7.20
CA GLU H 55 0.67 -24.51 8.20
C GLU H 55 -0.25 -23.69 9.09
#